data_1IXB
#
_entry.id   1IXB
#
_cell.length_a   46.815
_cell.length_b   45.832
_cell.length_c   96.187
_cell.angle_alpha   90.00
_cell.angle_beta   98.20
_cell.angle_gamma   90.00
#
_symmetry.space_group_name_H-M   'P 1 21 1'
#
loop_
_entity.id
_entity.type
_entity.pdbx_description
1 polymer 'SUPEROXIDE DISMUTASE'
2 non-polymer 'MANGANESE ION, 1 HYDROXYL COORDINATED'
3 water water
#
_entity_poly.entity_id   1
_entity_poly.type   'polypeptide(L)'
_entity_poly.pdbx_seq_one_letter_code
;SYTLPSLPYAYDALEPHFDKQTMEIHHTKHHQTYVNNANAALESLPEFANLPVEELITKLDQLPADKKTVLRNNAGGHAN
HSLFWKGLKKGTTLQGDLKAAIERDFGSVDNFKAEFEKAAASRFGSGWAWLVLKGDKLAVVSTANQDSPLMGEAISGASG
FPIMGLDVWEHAYFLKFQNRRPDYIKEFWNVVNWDEAAARFAAKK
;
_entity_poly.pdbx_strand_id   A,B
#
loop_
_chem_comp.id
_chem_comp.type
_chem_comp.name
_chem_comp.formula
MH2 non-polymer 'MANGANESE ION, 1 HYDROXYL COORDINATED' 'H Mn O 2'
#
# COMPACT_ATOMS: atom_id res chain seq x y z
N SER A 1 9.63 3.24 -26.55
N SER A 1 9.82 2.70 -26.39
CA SER A 1 9.66 3.13 -25.09
CA SER A 1 9.75 2.79 -24.93
C SER A 1 8.60 4.04 -24.50
C SER A 1 8.41 3.36 -24.48
N TYR A 2 8.26 3.73 -23.24
CA TYR A 2 7.20 4.53 -22.61
C TYR A 2 7.74 5.92 -22.31
N THR A 3 6.83 6.91 -22.25
CA THR A 3 7.15 8.22 -21.81
C THR A 3 6.09 8.66 -20.79
N LEU A 4 6.50 9.61 -19.95
CA LEU A 4 5.58 10.29 -19.03
C LEU A 4 4.65 11.16 -19.87
N PRO A 5 3.34 10.94 -19.89
CA PRO A 5 2.47 11.70 -20.78
C PRO A 5 2.29 13.11 -20.31
N SER A 6 2.09 14.02 -21.28
CA SER A 6 1.59 15.32 -20.98
C SER A 6 0.16 15.23 -20.49
N LEU A 7 -0.22 16.16 -19.61
CA LEU A 7 -1.50 16.13 -18.94
C LEU A 7 -2.55 16.90 -19.72
N PRO A 8 -3.82 16.70 -19.43
CA PRO A 8 -4.91 17.49 -20.01
C PRO A 8 -5.08 18.86 -19.41
N TYR A 9 -4.23 19.27 -18.49
CA TYR A 9 -4.43 20.45 -17.67
C TYR A 9 -3.11 20.76 -16.97
N ALA A 10 -3.03 22.00 -16.46
CA ALA A 10 -2.01 22.37 -15.51
C ALA A 10 -2.26 21.68 -14.16
N TYR A 11 -1.21 21.59 -13.32
CA TYR A 11 -1.31 20.91 -12.07
C TYR A 11 -2.30 21.49 -11.09
N ASP A 12 -2.62 22.77 -11.24
CA ASP A 12 -3.53 23.48 -10.36
C ASP A 12 -4.98 23.43 -10.85
N ALA A 13 -5.28 22.68 -11.91
CA ALA A 13 -6.61 22.76 -12.50
C ALA A 13 -7.67 22.06 -11.67
N LEU A 14 -7.29 21.22 -10.75
CA LEU A 14 -8.25 20.47 -9.93
C LEU A 14 -8.45 21.10 -8.55
N GLU A 15 -7.83 22.25 -8.30
CA GLU A 15 -8.11 23.01 -7.08
C GLU A 15 -9.53 23.49 -7.12
N PRO A 16 -10.24 23.55 -5.99
CA PRO A 16 -9.77 23.31 -4.62
C PRO A 16 -9.97 21.92 -4.14
N HIS A 17 -10.10 20.95 -5.05
CA HIS A 17 -10.46 19.59 -4.68
C HIS A 17 -9.24 18.70 -4.45
N PHE A 18 -8.39 18.58 -5.48
CA PHE A 18 -7.12 17.84 -5.38
C PHE A 18 -6.00 18.89 -5.41
N ASP A 19 -5.06 18.78 -4.48
CA ASP A 19 -4.03 19.80 -4.29
C ASP A 19 -2.98 19.75 -5.39
N LYS A 20 -2.57 20.95 -5.82
CA LYS A 20 -1.64 21.08 -6.92
C LYS A 20 -0.24 20.57 -6.57
N GLN A 21 0.20 20.65 -5.33
CA GLN A 21 1.53 20.11 -4.99
C GLN A 21 1.54 18.60 -5.22
N THR A 22 0.52 17.90 -4.74
CA THR A 22 0.43 16.48 -4.98
C THR A 22 0.35 16.17 -6.47
N MET A 23 -0.49 16.93 -7.22
CA MET A 23 -0.59 16.65 -8.67
C MET A 23 0.81 16.63 -9.29
N GLU A 24 1.62 17.64 -8.96
CA GLU A 24 2.94 17.74 -9.58
C GLU A 24 3.87 16.63 -9.14
N ILE A 25 3.95 16.33 -7.86
CA ILE A 25 4.79 15.22 -7.37
C ILE A 25 4.35 13.91 -7.97
N HIS A 26 3.03 13.68 -7.92
CA HIS A 26 2.44 12.44 -8.37
C HIS A 26 2.79 12.13 -9.83
N HIS A 27 2.74 13.17 -10.67
CA HIS A 27 3.10 13.06 -12.09
C HIS A 27 4.61 12.89 -12.26
N THR A 28 5.36 13.88 -11.75
CA THR A 28 6.77 14.00 -12.08
C THR A 28 7.69 13.03 -11.33
N LYS A 29 7.22 12.48 -10.22
CA LYS A 29 7.99 11.55 -9.40
C LYS A 29 7.37 10.18 -9.47
N HIS A 30 6.16 9.98 -8.93
CA HIS A 30 5.64 8.62 -8.83
C HIS A 30 5.39 8.02 -10.22
N HIS A 31 4.64 8.73 -11.09
CA HIS A 31 4.36 8.18 -12.39
C HIS A 31 5.65 8.00 -13.18
N GLN A 32 6.54 9.01 -13.13
CA GLN A 32 7.80 8.92 -13.83
C GLN A 32 8.57 7.65 -13.43
N THR A 33 8.58 7.32 -12.15
CA THR A 33 9.31 6.13 -11.70
C THR A 33 8.75 4.86 -12.31
N TYR A 34 7.42 4.73 -12.40
CA TYR A 34 6.86 3.57 -13.08
C TYR A 34 7.27 3.50 -14.55
N VAL A 35 7.25 4.64 -15.25
CA VAL A 35 7.72 4.68 -16.62
C VAL A 35 9.16 4.19 -16.69
N ASN A 36 10.01 4.72 -15.82
CA ASN A 36 11.43 4.40 -15.88
C ASN A 36 11.66 2.92 -15.59
N ASN A 37 11.00 2.38 -14.58
CA ASN A 37 11.25 1.01 -14.17
C ASN A 37 10.64 0.04 -15.16
N ALA A 38 9.52 0.39 -15.79
CA ALA A 38 8.99 -0.43 -16.86
C ALA A 38 9.93 -0.42 -18.08
N ASN A 39 10.43 0.76 -18.41
CA ASN A 39 11.35 0.82 -19.54
C ASN A 39 12.58 -0.03 -19.28
N ALA A 40 13.10 0.00 -18.06
CA ALA A 40 14.32 -0.77 -17.78
C ALA A 40 14.01 -2.27 -18.04
N ALA A 41 12.85 -2.74 -17.64
CA ALA A 41 12.46 -4.16 -17.81
C ALA A 41 12.20 -4.49 -19.28
N LEU A 42 11.78 -3.52 -20.06
CA LEU A 42 11.47 -3.78 -21.44
C LEU A 42 12.67 -3.70 -22.35
N GLU A 43 13.81 -3.22 -21.87
CA GLU A 43 14.99 -3.10 -22.75
C GLU A 43 15.35 -4.37 -23.46
N SER A 44 15.24 -5.50 -22.76
CA SER A 44 15.62 -6.79 -23.34
C SER A 44 14.48 -7.49 -24.07
N LEU A 45 13.30 -6.83 -24.23
CA LEU A 45 12.09 -7.39 -24.78
C LEU A 45 11.60 -6.53 -25.91
N PRO A 46 12.36 -6.45 -27.00
CA PRO A 46 11.91 -5.61 -28.14
C PRO A 46 10.55 -5.99 -28.71
N GLU A 47 10.17 -7.26 -28.56
CA GLU A 47 8.84 -7.63 -29.10
C GLU A 47 7.72 -7.15 -28.21
N PHE A 48 7.98 -6.72 -27.00
CA PHE A 48 6.94 -6.24 -26.08
C PHE A 48 7.04 -4.74 -25.95
N ALA A 49 8.24 -4.16 -26.16
CA ALA A 49 8.43 -2.76 -25.87
C ALA A 49 7.58 -1.83 -26.73
N ASN A 50 7.14 -2.25 -27.92
CA ASN A 50 6.39 -1.38 -28.79
C ASN A 50 4.93 -1.32 -28.47
N LEU A 51 4.46 -2.30 -27.72
CA LEU A 51 3.05 -2.32 -27.46
C LEU A 51 2.61 -1.10 -26.63
N PRO A 52 1.44 -0.57 -26.90
CA PRO A 52 0.87 0.37 -25.92
C PRO A 52 0.77 -0.25 -24.56
N VAL A 53 1.01 0.54 -23.51
CA VAL A 53 1.02 -0.03 -22.13
C VAL A 53 -0.32 -0.70 -21.82
N GLU A 54 -1.45 -0.10 -22.29
CA GLU A 54 -2.77 -0.64 -21.97
C GLU A 54 -2.98 -1.98 -22.65
N GLU A 55 -2.24 -2.28 -23.71
CA GLU A 55 -2.28 -3.57 -24.38
C GLU A 55 -1.33 -4.50 -23.70
N LEU A 56 -0.11 -4.09 -23.31
CA LEU A 56 0.83 -4.96 -22.67
C LEU A 56 0.21 -5.57 -21.42
N ILE A 57 -0.52 -4.78 -20.64
CA ILE A 57 -1.02 -5.33 -19.36
C ILE A 57 -2.14 -6.33 -19.58
N THR A 58 -2.66 -6.50 -20.79
CA THR A 58 -3.61 -7.55 -21.11
C THR A 58 -2.90 -8.83 -21.53
N LYS A 59 -1.58 -8.83 -21.64
CA LYS A 59 -0.76 -9.86 -22.25
C LYS A 59 0.36 -10.28 -21.29
N LEU A 60 0.22 -10.04 -19.99
CA LEU A 60 1.30 -10.33 -19.07
C LEU A 60 1.60 -11.80 -19.04
N ASP A 61 0.63 -12.65 -19.35
CA ASP A 61 0.84 -14.07 -19.40
C ASP A 61 1.83 -14.45 -20.51
N GLN A 62 2.05 -13.59 -21.48
CA GLN A 62 2.99 -13.93 -22.58
C GLN A 62 4.44 -13.65 -22.22
N LEU A 63 4.69 -12.88 -21.18
CA LEU A 63 6.03 -12.50 -20.83
C LEU A 63 6.85 -13.64 -20.28
N PRO A 64 8.17 -13.56 -20.38
CA PRO A 64 9.04 -14.50 -19.69
C PRO A 64 8.70 -14.45 -18.20
N ALA A 65 8.84 -15.57 -17.52
CA ALA A 65 8.52 -15.64 -16.10
C ALA A 65 9.23 -14.62 -15.25
N ASP A 66 10.51 -14.34 -15.53
CA ASP A 66 11.30 -13.43 -14.71
C ASP A 66 10.99 -11.94 -14.98
N LYS A 67 10.07 -11.69 -15.92
CA LYS A 67 9.66 -10.33 -16.23
C LYS A 67 8.23 -10.04 -15.76
N LYS A 68 7.47 -11.07 -15.37
CA LYS A 68 6.05 -10.89 -15.15
C LYS A 68 5.78 -9.91 -14.00
N THR A 69 6.43 -10.06 -12.87
CA THR A 69 6.14 -9.21 -11.71
C THR A 69 6.54 -7.77 -11.95
N VAL A 70 7.79 -7.56 -12.42
CA VAL A 70 8.24 -6.19 -12.57
C VAL A 70 7.36 -5.42 -13.56
N LEU A 71 6.90 -6.09 -14.61
CA LEU A 71 6.05 -5.41 -15.58
C LEU A 71 4.61 -5.30 -15.12
N ARG A 72 4.07 -6.32 -14.43
CA ARG A 72 2.77 -6.15 -13.79
C ARG A 72 2.77 -4.85 -12.96
N ASN A 73 3.80 -4.70 -12.12
CA ASN A 73 3.82 -3.60 -11.18
C ASN A 73 4.03 -2.27 -11.90
N ASN A 74 5.00 -2.21 -12.83
CA ASN A 74 5.39 -0.94 -13.39
C ASN A 74 4.62 -0.57 -14.66
N ALA A 75 4.37 -1.55 -15.56
CA ALA A 75 3.43 -1.26 -16.65
C ALA A 75 2.02 -1.05 -16.11
N GLY A 76 1.62 -1.81 -15.08
CA GLY A 76 0.35 -1.49 -14.41
C GLY A 76 0.36 -0.07 -13.91
N GLY A 77 1.45 0.35 -13.23
CA GLY A 77 1.49 1.71 -12.75
C GLY A 77 1.38 2.73 -13.83
N HIS A 78 2.10 2.53 -14.95
CA HIS A 78 2.04 3.49 -16.04
C HIS A 78 0.64 3.53 -16.66
N ALA A 79 0.05 2.37 -16.92
CA ALA A 79 -1.30 2.36 -17.50
C ALA A 79 -2.28 3.05 -16.55
N ASN A 80 -2.22 2.70 -15.28
CA ASN A 80 -3.25 3.23 -14.35
C ASN A 80 -3.13 4.73 -14.20
N HIS A 81 -1.90 5.27 -14.04
CA HIS A 81 -1.77 6.70 -13.91
C HIS A 81 -2.17 7.43 -15.18
N SER A 82 -1.83 6.85 -16.35
CA SER A 82 -2.20 7.47 -17.61
C SER A 82 -3.73 7.65 -17.70
N LEU A 83 -4.46 6.60 -17.28
CA LEU A 83 -5.90 6.65 -17.24
C LEU A 83 -6.37 7.68 -16.19
N PHE A 84 -5.76 7.68 -15.04
CA PHE A 84 -6.17 8.59 -13.96
C PHE A 84 -6.13 10.02 -14.42
N TRP A 85 -5.03 10.45 -15.07
CA TRP A 85 -4.94 11.85 -15.42
C TRP A 85 -6.07 12.26 -16.38
N LYS A 86 -6.32 11.41 -17.37
CA LYS A 86 -7.37 11.66 -18.36
C LYS A 86 -8.75 11.63 -17.70
N GLY A 87 -8.86 10.94 -16.59
CA GLY A 87 -10.09 10.70 -15.93
C GLY A 87 -10.47 11.73 -14.86
N LEU A 88 -9.79 12.89 -14.84
CA LEU A 88 -10.03 13.98 -13.91
C LEU A 88 -10.31 15.24 -14.69
N LYS A 89 -11.30 16.04 -14.25
CA LYS A 89 -11.64 17.32 -14.84
C LYS A 89 -12.75 17.91 -13.94
N LYS A 90 -12.74 19.23 -13.75
CA LYS A 90 -13.84 19.90 -13.08
C LYS A 90 -14.95 20.25 -14.06
N GLY A 91 -16.16 20.43 -13.52
CA GLY A 91 -17.27 21.04 -14.24
C GLY A 91 -18.06 20.10 -15.13
N THR A 92 -17.82 18.79 -15.04
CA THR A 92 -18.58 17.86 -15.83
C THR A 92 -19.88 17.45 -15.11
N THR A 93 -20.81 16.90 -15.89
CA THR A 93 -22.08 16.40 -15.39
C THR A 93 -22.28 14.99 -15.90
N LEU A 94 -22.53 14.05 -15.04
CA LEU A 94 -22.89 12.70 -15.45
C LEU A 94 -24.23 12.77 -16.18
N GLN A 95 -24.32 12.24 -17.38
CA GLN A 95 -25.47 12.44 -18.22
C GLN A 95 -25.53 11.35 -19.29
N GLY A 96 -26.62 11.37 -20.06
CA GLY A 96 -26.66 10.58 -21.28
C GLY A 96 -26.63 9.11 -21.07
N ASP A 97 -26.02 8.39 -22.02
CA ASP A 97 -26.01 6.94 -21.99
C ASP A 97 -25.32 6.38 -20.76
N LEU A 98 -24.22 7.02 -20.33
CA LEU A 98 -23.51 6.47 -19.18
C LEU A 98 -24.36 6.63 -17.94
N LYS A 99 -25.01 7.76 -17.75
CA LYS A 99 -25.89 7.92 -16.59
C LYS A 99 -26.97 6.85 -16.60
N ALA A 100 -27.59 6.67 -17.80
CA ALA A 100 -28.67 5.66 -17.87
C ALA A 100 -28.14 4.27 -17.61
N ALA A 101 -26.95 3.93 -18.03
CA ALA A 101 -26.40 2.60 -17.75
C ALA A 101 -26.09 2.41 -16.29
N ILE A 102 -25.57 3.46 -15.62
CA ILE A 102 -25.36 3.39 -14.19
C ILE A 102 -26.69 3.18 -13.45
N GLU A 103 -27.71 3.92 -13.87
CA GLU A 103 -29.03 3.76 -13.21
C GLU A 103 -29.56 2.35 -13.43
N ARG A 104 -29.35 1.83 -14.66
CA ARG A 104 -29.78 0.47 -14.96
C ARG A 104 -29.10 -0.58 -14.12
N ASP A 105 -27.78 -0.47 -13.98
CA ASP A 105 -26.98 -1.57 -13.42
C ASP A 105 -26.86 -1.44 -11.90
N PHE A 106 -27.06 -0.28 -11.33
CA PHE A 106 -26.98 -0.07 -9.91
C PHE A 106 -28.28 0.41 -9.27
N GLY A 107 -29.28 0.73 -10.07
CA GLY A 107 -30.57 1.18 -9.58
C GLY A 107 -30.69 2.70 -9.56
N SER A 108 -29.60 3.40 -9.22
CA SER A 108 -29.58 4.85 -9.16
C SER A 108 -28.14 5.29 -9.15
N VAL A 109 -27.91 6.55 -9.50
CA VAL A 109 -26.57 7.10 -9.37
C VAL A 109 -26.08 7.10 -7.93
N ASP A 110 -26.96 7.41 -6.97
CA ASP A 110 -26.48 7.43 -5.60
C ASP A 110 -26.13 6.03 -5.11
N ASN A 111 -26.84 4.98 -5.53
CA ASN A 111 -26.48 3.66 -5.17
C ASN A 111 -25.08 3.33 -5.71
N PHE A 112 -24.83 3.66 -6.96
CA PHE A 112 -23.49 3.47 -7.54
C PHE A 112 -22.46 4.21 -6.73
N LYS A 113 -22.69 5.47 -6.39
CA LYS A 113 -21.67 6.24 -5.66
C LYS A 113 -21.37 5.57 -4.35
N ALA A 114 -22.41 5.11 -3.64
CA ALA A 114 -22.19 4.45 -2.37
C ALA A 114 -21.32 3.19 -2.52
N GLU A 115 -21.60 2.45 -3.55
CA GLU A 115 -20.84 1.23 -3.79
C GLU A 115 -19.39 1.53 -4.18
N PHE A 116 -19.18 2.56 -5.01
CA PHE A 116 -17.83 2.96 -5.38
C PHE A 116 -17.08 3.48 -4.16
N GLU A 117 -17.71 4.32 -3.36
CA GLU A 117 -17.04 4.81 -2.15
C GLU A 117 -16.65 3.66 -1.25
N LYS A 118 -17.54 2.67 -1.09
CA LYS A 118 -17.27 1.54 -0.23
C LYS A 118 -16.06 0.76 -0.73
N ALA A 119 -16.01 0.52 -2.04
CA ALA A 119 -14.89 -0.22 -2.61
C ALA A 119 -13.57 0.57 -2.42
N ALA A 120 -13.63 1.86 -2.67
CA ALA A 120 -12.46 2.71 -2.55
C ALA A 120 -12.00 2.77 -1.12
N ALA A 121 -12.92 2.84 -0.16
CA ALA A 121 -12.57 2.94 1.25
C ALA A 121 -12.03 1.61 1.80
N SER A 122 -12.54 0.50 1.27
CA SER A 122 -12.28 -0.82 1.86
C SER A 122 -11.07 -1.54 1.23
N ARG A 123 -10.45 -0.91 0.25
CA ARG A 123 -9.20 -1.45 -0.34
C ARG A 123 -8.08 -1.20 0.67
N PHE A 124 -7.66 -2.24 1.41
CA PHE A 124 -6.74 -2.11 2.49
C PHE A 124 -5.31 -2.15 1.94
N GLY A 125 -4.48 -1.22 2.33
CA GLY A 125 -3.17 -1.08 1.73
C GLY A 125 -3.28 -0.20 0.48
N SER A 126 -2.39 -0.45 -0.48
CA SER A 126 -2.34 0.34 -1.71
C SER A 126 -3.24 -0.27 -2.77
N GLY A 127 -3.83 0.56 -3.64
CA GLY A 127 -4.59 0.02 -4.74
C GLY A 127 -5.45 1.08 -5.39
N TRP A 128 -6.46 0.58 -6.12
CA TRP A 128 -7.33 1.37 -6.99
C TRP A 128 -8.75 0.88 -6.87
N ALA A 129 -9.70 1.82 -7.05
CA ALA A 129 -11.12 1.47 -7.21
C ALA A 129 -11.52 1.81 -8.64
N TRP A 130 -12.39 1.02 -9.23
CA TRP A 130 -12.73 1.12 -10.62
C TRP A 130 -14.23 0.99 -10.87
N LEU A 131 -14.70 1.74 -11.88
CA LEU A 131 -15.97 1.46 -12.55
C LEU A 131 -15.56 0.73 -13.85
N VAL A 132 -15.98 -0.52 -14.01
CA VAL A 132 -15.64 -1.32 -15.19
C VAL A 132 -16.92 -1.67 -15.95
N LEU A 133 -16.73 -1.96 -17.24
CA LEU A 133 -17.74 -2.60 -18.06
C LEU A 133 -17.30 -4.03 -18.26
N LYS A 134 -18.19 -4.95 -17.93
N LYS A 134 -18.07 -4.97 -17.70
CA LYS A 134 -17.98 -6.35 -18.29
CA LYS A 134 -17.78 -6.39 -17.69
C LYS A 134 -19.04 -6.77 -19.34
C LYS A 134 -19.04 -7.14 -18.11
N GLY A 135 -18.69 -6.68 -20.59
N GLY A 135 -18.95 -7.95 -19.18
CA GLY A 135 -19.56 -6.96 -21.71
CA GLY A 135 -20.17 -8.59 -19.64
C GLY A 135 -20.74 -5.99 -21.74
C GLY A 135 -21.33 -7.64 -19.89
N ASP A 136 -21.90 -6.49 -21.24
N ASP A 136 -21.06 -6.48 -20.48
CA ASP A 136 -23.13 -5.72 -21.13
CA ASP A 136 -22.07 -5.50 -20.89
C ASP A 136 -23.38 -5.16 -19.72
C ASP A 136 -23.04 -4.97 -19.84
N LYS A 137 -22.47 -5.20 -18.69
CA LYS A 137 -22.92 -4.71 -17.38
C LYS A 137 -21.80 -3.96 -16.64
N LEU A 138 -22.12 -2.78 -16.13
CA LEU A 138 -21.19 -2.03 -15.31
C LEU A 138 -21.08 -2.61 -13.92
N ALA A 139 -19.88 -2.46 -13.33
CA ALA A 139 -19.59 -3.01 -12.03
C ALA A 139 -18.53 -2.15 -11.32
N VAL A 140 -18.53 -2.22 -9.99
CA VAL A 140 -17.48 -1.60 -9.19
C VAL A 140 -16.57 -2.72 -8.70
N VAL A 141 -15.28 -2.56 -8.93
CA VAL A 141 -14.27 -3.53 -8.48
C VAL A 141 -13.10 -2.74 -7.92
N SER A 142 -12.19 -3.44 -7.22
CA SER A 142 -10.95 -2.81 -6.74
C SER A 142 -9.81 -3.77 -7.03
N THR A 143 -8.61 -3.21 -7.10
CA THR A 143 -7.39 -3.97 -7.27
C THR A 143 -6.34 -3.53 -6.27
N ALA A 144 -5.41 -4.44 -6.01
CA ALA A 144 -4.28 -4.17 -5.17
C ALA A 144 -3.13 -3.53 -5.95
N ASN A 145 -2.36 -2.71 -5.27
CA ASN A 145 -1.09 -2.20 -5.76
C ASN A 145 -1.29 -1.53 -7.10
N GLN A 146 -0.54 -1.91 -8.16
CA GLN A 146 -0.75 -1.33 -9.49
C GLN A 146 -1.44 -2.31 -10.42
N ASP A 147 -2.18 -3.29 -9.86
CA ASP A 147 -2.93 -4.16 -10.73
C ASP A 147 -4.09 -3.39 -11.36
N SER A 148 -4.51 -3.87 -12.54
CA SER A 148 -5.62 -3.28 -13.27
C SER A 148 -6.59 -4.36 -13.67
N PRO A 149 -7.90 -4.08 -13.76
CA PRO A 149 -8.82 -5.08 -14.28
C PRO A 149 -8.49 -5.52 -15.70
N LEU A 150 -7.76 -4.70 -16.46
CA LEU A 150 -7.34 -5.13 -17.80
C LEU A 150 -6.45 -6.37 -17.72
N MET A 151 -5.79 -6.60 -16.59
CA MET A 151 -4.94 -7.77 -16.44
C MET A 151 -5.74 -9.08 -16.33
N GLY A 152 -7.04 -8.98 -16.03
CA GLY A 152 -7.88 -10.14 -15.90
C GLY A 152 -7.93 -10.69 -14.50
N GLU A 153 -8.89 -11.63 -14.31
CA GLU A 153 -9.21 -12.15 -12.98
C GLU A 153 -8.05 -12.94 -12.41
N ALA A 154 -7.43 -13.80 -13.20
CA ALA A 154 -6.39 -14.67 -12.62
C ALA A 154 -5.26 -13.87 -11.99
N ILE A 155 -4.84 -12.79 -12.67
CA ILE A 155 -3.77 -11.98 -12.12
C ILE A 155 -4.27 -11.00 -11.04
N SER A 156 -5.34 -10.26 -11.38
CA SER A 156 -5.67 -9.08 -10.57
C SER A 156 -6.80 -9.30 -9.59
N GLY A 157 -7.58 -10.37 -9.71
CA GLY A 157 -8.77 -10.54 -8.92
C GLY A 157 -9.96 -9.73 -9.41
N ALA A 158 -9.82 -9.09 -10.56
CA ALA A 158 -10.87 -8.25 -11.12
C ALA A 158 -10.76 -8.36 -12.64
N SER A 159 -11.82 -7.89 -13.33
CA SER A 159 -11.80 -7.86 -14.78
C SER A 159 -12.78 -6.80 -15.25
N GLY A 160 -12.75 -6.59 -16.57
CA GLY A 160 -13.56 -5.59 -17.19
C GLY A 160 -12.74 -4.42 -17.72
N PHE A 161 -13.38 -3.65 -18.62
CA PHE A 161 -12.77 -2.45 -19.21
C PHE A 161 -12.97 -1.29 -18.25
N PRO A 162 -11.90 -0.59 -17.83
CA PRO A 162 -12.08 0.49 -16.84
C PRO A 162 -12.59 1.74 -17.47
N ILE A 163 -13.83 2.11 -17.12
CA ILE A 163 -14.45 3.34 -17.54
C ILE A 163 -13.79 4.53 -16.86
N MET A 164 -13.60 4.41 -15.55
CA MET A 164 -12.87 5.41 -14.76
C MET A 164 -12.33 4.70 -13.53
N GLY A 165 -11.48 5.41 -12.79
CA GLY A 165 -10.99 4.85 -11.55
C GLY A 165 -10.36 5.89 -10.64
N LEU A 166 -10.15 5.49 -9.40
CA LEU A 166 -9.61 6.33 -8.35
C LEU A 166 -8.39 5.63 -7.74
N ASP A 167 -7.26 6.36 -7.74
CA ASP A 167 -6.03 5.94 -7.08
C ASP A 167 -6.19 6.09 -5.56
N VAL A 168 -6.03 5.00 -4.82
CA VAL A 168 -6.09 5.11 -3.37
C VAL A 168 -4.75 4.72 -2.71
N TRP A 169 -3.64 4.77 -3.46
CA TRP A 169 -2.35 4.80 -2.79
C TRP A 169 -2.23 6.05 -1.93
N GLU A 170 -1.55 5.91 -0.79
CA GLU A 170 -1.40 7.03 0.10
C GLU A 170 -0.74 8.25 -0.53
N HIS A 171 0.18 8.08 -1.47
CA HIS A 171 0.80 9.26 -2.05
C HIS A 171 -0.20 10.15 -2.75
N ALA A 172 -1.37 9.62 -3.16
CA ALA A 172 -2.36 10.40 -3.88
C ALA A 172 -3.11 11.37 -2.95
N TYR A 173 -3.06 11.16 -1.62
CA TYR A 173 -3.90 11.95 -0.73
C TYR A 173 -3.20 12.34 0.57
N PHE A 174 -1.94 11.98 0.80
CA PHE A 174 -1.36 12.23 2.10
C PHE A 174 -1.20 13.70 2.40
N LEU A 175 -0.68 14.48 1.47
CA LEU A 175 -0.36 15.86 1.81
C LEU A 175 -1.56 16.64 2.30
N LYS A 176 -2.69 16.50 1.61
CA LYS A 176 -3.88 17.27 1.95
C LYS A 176 -4.75 16.56 2.98
N PHE A 177 -4.84 15.24 2.90
CA PHE A 177 -5.81 14.50 3.63
C PHE A 177 -5.24 13.59 4.70
N GLN A 178 -3.92 13.41 4.76
CA GLN A 178 -3.28 12.54 5.73
C GLN A 178 -3.93 11.14 5.60
N ASN A 179 -4.41 10.61 6.71
CA ASN A 179 -5.00 9.32 6.69
C ASN A 179 -6.49 9.34 6.37
N ARG A 180 -7.07 10.49 6.08
CA ARG A 180 -8.53 10.59 5.89
C ARG A 180 -8.93 10.29 4.44
N ARG A 181 -8.70 9.02 4.08
CA ARG A 181 -9.07 8.57 2.73
C ARG A 181 -10.54 8.87 2.42
N PRO A 182 -11.49 8.67 3.35
CA PRO A 182 -12.88 9.00 2.98
C PRO A 182 -13.06 10.43 2.53
N ASP A 183 -12.35 11.38 3.09
CA ASP A 183 -12.48 12.77 2.69
C ASP A 183 -11.94 12.99 1.27
N TYR A 184 -10.85 12.28 0.94
CA TYR A 184 -10.28 12.32 -0.43
C TYR A 184 -11.29 11.71 -1.43
N ILE A 185 -11.91 10.58 -1.05
CA ILE A 185 -12.90 9.94 -1.89
C ILE A 185 -14.05 10.90 -2.19
N LYS A 186 -14.49 11.65 -1.13
CA LYS A 186 -15.56 12.63 -1.37
C LYS A 186 -15.15 13.66 -2.41
N GLU A 187 -13.91 14.15 -2.31
CA GLU A 187 -13.44 15.16 -3.27
C GLU A 187 -13.35 14.59 -4.68
N PHE A 188 -13.09 13.28 -4.81
CA PHE A 188 -13.07 12.69 -6.14
C PHE A 188 -14.35 12.96 -6.90
N TRP A 189 -15.53 12.98 -6.24
CA TRP A 189 -16.73 13.21 -7.01
C TRP A 189 -16.74 14.57 -7.68
N ASN A 190 -16.02 15.55 -7.15
CA ASN A 190 -15.94 16.87 -7.74
C ASN A 190 -15.02 16.95 -8.97
N VAL A 191 -14.14 15.93 -9.12
CA VAL A 191 -13.17 15.95 -10.20
C VAL A 191 -13.20 14.71 -11.09
N VAL A 192 -14.06 13.73 -10.85
CA VAL A 192 -14.14 12.63 -11.82
C VAL A 192 -14.64 13.21 -13.12
N ASN A 193 -13.92 12.91 -14.20
CA ASN A 193 -14.23 13.51 -15.51
C ASN A 193 -15.32 12.68 -16.18
N TRP A 194 -16.58 13.05 -16.01
CA TRP A 194 -17.65 12.26 -16.58
C TRP A 194 -17.62 12.32 -18.11
N ASP A 195 -17.02 13.36 -18.70
CA ASP A 195 -16.93 13.43 -20.14
C ASP A 195 -16.01 12.33 -20.69
N GLU A 196 -14.89 12.10 -20.03
CA GLU A 196 -13.98 11.04 -20.47
C GLU A 196 -14.61 9.67 -20.21
N ALA A 197 -15.24 9.51 -19.05
CA ALA A 197 -15.95 8.26 -18.76
C ALA A 197 -16.98 7.99 -19.84
N ALA A 198 -17.74 9.01 -20.22
CA ALA A 198 -18.76 8.87 -21.25
C ALA A 198 -18.16 8.49 -22.60
N ALA A 199 -17.01 9.09 -22.94
CA ALA A 199 -16.37 8.77 -24.22
C ALA A 199 -15.89 7.32 -24.22
N ARG A 200 -15.31 6.88 -23.12
CA ARG A 200 -14.84 5.49 -23.02
C ARG A 200 -16.03 4.52 -23.09
N PHE A 201 -17.13 4.88 -22.41
CA PHE A 201 -18.34 4.07 -22.49
C PHE A 201 -18.89 4.01 -23.89
N ALA A 202 -18.91 5.14 -24.62
CA ALA A 202 -19.42 5.15 -25.98
C ALA A 202 -18.60 4.23 -26.87
N ALA A 203 -17.28 4.19 -26.69
CA ALA A 203 -16.42 3.36 -27.51
C ALA A 203 -16.63 1.87 -27.24
N LYS A 204 -17.05 1.50 -26.03
CA LYS A 204 -17.04 0.13 -25.59
C LYS A 204 -18.41 -0.49 -25.34
N LYS A 205 -19.46 0.29 -25.24
CA LYS A 205 -20.79 -0.26 -24.91
C LYS A 205 -21.35 -1.14 -26.05
N SER B 1 -10.10 -3.16 25.98
N SER B 1 -10.18 -2.49 26.28
CA SER B 1 -10.05 -2.28 24.81
CA SER B 1 -10.03 -1.94 24.93
C SER B 1 -8.63 -1.79 24.62
C SER B 1 -8.56 -1.77 24.64
N TYR B 2 -8.18 -1.87 23.38
CA TYR B 2 -6.88 -1.38 23.00
C TYR B 2 -6.84 0.14 23.18
N THR B 3 -5.66 0.65 23.44
CA THR B 3 -5.42 2.06 23.52
C THR B 3 -4.15 2.39 22.72
N LEU B 4 -4.06 3.65 22.32
CA LEU B 4 -2.87 4.14 21.62
C LEU B 4 -1.76 4.23 22.63
N PRO B 5 -0.66 3.52 22.47
CA PRO B 5 0.39 3.57 23.51
C PRO B 5 1.11 4.88 23.45
N SER B 6 1.48 5.42 24.63
CA SER B 6 2.39 6.55 24.68
C SER B 6 3.71 6.09 24.08
N LEU B 7 4.40 6.99 23.36
CA LEU B 7 5.70 6.65 22.81
C LEU B 7 6.78 6.62 23.90
N PRO B 8 7.90 5.97 23.62
CA PRO B 8 9.07 5.96 24.55
C PRO B 8 9.87 7.26 24.58
N TYR B 9 9.48 8.24 23.78
CA TYR B 9 10.28 9.40 23.49
C TYR B 9 9.35 10.47 22.94
N ALA B 10 9.84 11.71 22.88
CA ALA B 10 9.20 12.84 22.23
C ALA B 10 9.16 12.64 20.72
N TYR B 11 8.30 13.35 20.01
CA TYR B 11 8.16 13.15 18.58
C TYR B 11 9.42 13.52 17.84
N ASP B 12 10.25 14.40 18.39
CA ASP B 12 11.51 14.83 17.75
C ASP B 12 12.71 14.02 18.17
N ALA B 13 12.51 12.91 18.85
CA ALA B 13 13.65 12.20 19.41
C ALA B 13 14.46 11.41 18.38
N LEU B 14 13.91 11.25 17.19
CA LEU B 14 14.59 10.51 16.10
C LEU B 14 15.18 11.45 15.07
N GLU B 15 15.09 12.75 15.32
CA GLU B 15 15.75 13.70 14.42
C GLU B 15 17.27 13.52 14.60
N PRO B 16 18.05 13.75 13.58
CA PRO B 16 17.68 14.27 12.28
C PRO B 16 17.35 13.21 11.25
N HIS B 17 17.00 12.01 11.68
CA HIS B 17 16.83 10.83 10.80
C HIS B 17 15.40 10.66 10.32
N PHE B 18 14.48 10.52 11.28
CA PHE B 18 13.03 10.43 11.01
C PHE B 18 12.41 11.73 11.48
N ASP B 19 11.58 12.34 10.66
CA ASP B 19 11.07 13.65 10.94
C ASP B 19 9.93 13.68 11.96
N LYS B 20 10.00 14.72 12.82
CA LYS B 20 9.06 14.84 13.93
C LYS B 20 7.61 14.98 13.45
N GLN B 21 7.36 15.68 12.35
CA GLN B 21 5.95 15.85 11.96
C GLN B 21 5.36 14.50 11.56
N THR B 22 6.09 13.69 10.79
CA THR B 22 5.63 12.35 10.49
C THR B 22 5.43 11.54 11.73
N MET B 23 6.37 11.57 12.68
CA MET B 23 6.17 10.79 13.91
C MET B 23 4.80 11.11 14.54
N GLU B 24 4.52 12.42 14.65
CA GLU B 24 3.29 12.82 15.30
C GLU B 24 2.02 12.39 14.52
N ILE B 25 2.01 12.59 13.21
CA ILE B 25 0.87 12.17 12.38
C ILE B 25 0.70 10.66 12.47
N HIS B 26 1.82 9.97 12.27
CA HIS B 26 1.85 8.52 12.18
C HIS B 26 1.26 7.88 13.45
N HIS B 27 1.67 8.45 14.60
CA HIS B 27 1.20 7.97 15.89
C HIS B 27 -0.29 8.34 16.13
N THR B 28 -0.55 9.65 16.05
CA THR B 28 -1.85 10.14 16.50
C THR B 28 -2.99 9.90 15.54
N LYS B 29 -2.67 9.69 14.25
CA LYS B 29 -3.67 9.48 13.20
C LYS B 29 -3.65 8.03 12.76
N HIS B 30 -2.55 7.58 12.10
CA HIS B 30 -2.59 6.24 11.53
C HIS B 30 -2.70 5.17 12.57
N HIS B 31 -1.85 5.19 13.61
CA HIS B 31 -1.91 4.14 14.62
C HIS B 31 -3.26 4.19 15.36
N GLN B 32 -3.69 5.40 15.72
CA GLN B 32 -4.97 5.57 16.42
C GLN B 32 -6.09 4.90 15.65
N THR B 33 -6.14 5.07 14.30
CA THR B 33 -7.21 4.50 13.53
C THR B 33 -7.23 2.98 13.63
N TYR B 34 -6.04 2.32 13.62
CA TYR B 34 -6.04 0.87 13.78
C TYR B 34 -6.60 0.48 15.16
N VAL B 35 -6.20 1.19 16.21
CA VAL B 35 -6.75 0.94 17.56
C VAL B 35 -8.27 1.01 17.51
N ASN B 36 -8.78 2.10 16.94
CA ASN B 36 -10.23 2.31 16.95
C ASN B 36 -10.97 1.25 16.16
N ASN B 37 -10.46 0.95 14.96
CA ASN B 37 -11.17 0.00 14.12
C ASN B 37 -11.05 -1.44 14.64
N ALA B 38 -9.93 -1.78 15.25
CA ALA B 38 -9.84 -3.08 15.89
C ALA B 38 -10.80 -3.17 17.08
N ASN B 39 -10.86 -2.11 17.89
CA ASN B 39 -11.79 -2.13 19.03
C ASN B 39 -13.22 -2.32 18.57
N ALA B 40 -13.61 -1.64 17.46
CA ALA B 40 -14.98 -1.75 16.98
C ALA B 40 -15.27 -3.17 16.60
N ALA B 41 -14.34 -3.85 15.91
CA ALA B 41 -14.54 -5.21 15.47
C ALA B 41 -14.50 -6.20 16.61
N LEU B 42 -13.85 -5.85 17.72
CA LEU B 42 -13.72 -6.74 18.87
C LEU B 42 -14.87 -6.61 19.86
N GLU B 43 -15.70 -5.60 19.77
CA GLU B 43 -16.70 -5.41 20.84
C GLU B 43 -17.60 -6.61 20.95
N SER B 44 -18.00 -7.21 19.86
CA SER B 44 -18.88 -8.38 19.87
C SER B 44 -18.19 -9.67 20.24
N LEU B 45 -16.91 -9.61 20.54
CA LEU B 45 -16.05 -10.78 20.82
C LEU B 45 -15.42 -10.63 22.18
N PRO B 46 -16.16 -10.73 23.27
CA PRO B 46 -15.52 -10.61 24.61
C PRO B 46 -14.39 -11.60 24.86
N GLU B 47 -14.43 -12.76 24.19
CA GLU B 47 -13.38 -13.75 24.39
C GLU B 47 -12.06 -13.40 23.67
N PHE B 48 -12.09 -12.38 22.84
CA PHE B 48 -10.87 -11.86 22.18
C PHE B 48 -10.53 -10.44 22.52
N ALA B 49 -11.51 -9.60 22.91
CA ALA B 49 -11.34 -8.16 22.99
C ALA B 49 -10.30 -7.69 23.97
N ASN B 50 -10.08 -8.46 25.02
CA ASN B 50 -9.23 -8.06 26.13
C ASN B 50 -7.89 -8.80 26.15
N LEU B 51 -7.61 -9.63 25.12
CA LEU B 51 -6.30 -10.25 25.01
C LEU B 51 -5.27 -9.24 24.52
N PRO B 52 -3.99 -9.40 24.85
CA PRO B 52 -2.97 -8.54 24.24
C PRO B 52 -3.04 -8.71 22.72
N VAL B 53 -2.80 -7.60 22.01
CA VAL B 53 -2.89 -7.63 20.55
C VAL B 53 -1.89 -8.63 19.94
N GLU B 54 -0.70 -8.75 20.54
CA GLU B 54 0.29 -9.69 20.01
C GLU B 54 -0.14 -11.13 20.19
N GLU B 55 -1.03 -11.41 21.15
CA GLU B 55 -1.62 -12.71 21.29
C GLU B 55 -2.73 -12.89 20.26
N LEU B 56 -3.60 -11.87 20.09
CA LEU B 56 -4.69 -11.99 19.13
C LEU B 56 -4.19 -12.37 17.73
N ILE B 57 -3.08 -11.75 17.31
CA ILE B 57 -2.65 -11.99 15.91
C ILE B 57 -2.05 -13.39 15.73
N THR B 58 -1.87 -14.18 16.77
CA THR B 58 -1.55 -15.59 16.68
C THR B 58 -2.77 -16.50 16.64
N LYS B 59 -3.98 -15.93 16.82
N LYS B 59 -3.96 -15.93 16.71
CA LYS B 59 -5.30 -16.53 17.01
CA LYS B 59 -5.06 -16.90 16.68
C LYS B 59 -6.25 -16.25 15.85
C LYS B 59 -6.19 -16.37 15.82
N LEU B 60 -5.79 -15.73 14.72
CA LEU B 60 -6.74 -15.26 13.73
C LEU B 60 -7.61 -16.42 13.21
N ASP B 61 -7.07 -17.62 13.11
CA ASP B 61 -7.83 -18.74 12.60
C ASP B 61 -8.90 -19.20 13.58
N GLN B 62 -8.86 -18.71 14.81
CA GLN B 62 -9.89 -19.03 15.84
C GLN B 62 -11.11 -18.15 15.77
N LEU B 63 -11.06 -17.04 14.99
CA LEU B 63 -12.13 -16.06 14.93
C LEU B 63 -13.33 -16.56 14.13
N PRO B 64 -14.46 -15.94 14.31
CA PRO B 64 -15.56 -16.16 13.34
C PRO B 64 -15.10 -15.74 11.95
N ALA B 65 -15.66 -16.40 10.94
CA ALA B 65 -15.25 -16.11 9.59
C ALA B 65 -15.36 -14.65 9.21
N ASP B 66 -16.40 -13.96 9.67
CA ASP B 66 -16.60 -12.60 9.21
C ASP B 66 -15.69 -11.65 9.91
N LYS B 67 -14.89 -12.08 10.88
CA LYS B 67 -14.01 -11.20 11.61
C LYS B 67 -12.54 -11.30 11.19
N LYS B 68 -12.20 -12.33 10.43
CA LYS B 68 -10.78 -12.64 10.21
C LYS B 68 -10.04 -11.53 9.48
N THR B 69 -10.65 -10.98 8.39
CA THR B 69 -9.92 -10.00 7.61
C THR B 69 -9.79 -8.66 8.35
N VAL B 70 -10.90 -8.20 8.95
CA VAL B 70 -10.85 -6.89 9.59
C VAL B 70 -9.84 -6.92 10.75
N LEU B 71 -9.76 -8.04 11.47
CA LEU B 71 -8.82 -8.12 12.58
C LEU B 71 -7.41 -8.41 12.13
N ARG B 72 -7.21 -9.21 11.11
CA ARG B 72 -5.87 -9.31 10.49
C ARG B 72 -5.33 -7.91 10.23
N ASN B 73 -6.15 -7.08 9.56
CA ASN B 73 -5.69 -5.77 9.12
C ASN B 73 -5.46 -4.82 10.31
N ASN B 74 -6.46 -4.74 11.21
CA ASN B 74 -6.40 -3.71 12.24
C ASN B 74 -5.65 -4.17 13.51
N ALA B 75 -5.85 -5.42 13.94
CA ALA B 75 -4.99 -5.92 15.01
C ALA B 75 -3.55 -6.04 14.53
N GLY B 76 -3.35 -6.47 13.26
CA GLY B 76 -2.00 -6.39 12.70
C GLY B 76 -1.45 -4.99 12.77
N GLY B 77 -2.26 -3.99 12.38
CA GLY B 77 -1.77 -2.62 12.40
C GLY B 77 -1.40 -2.19 13.79
N HIS B 78 -2.22 -2.50 14.79
CA HIS B 78 -1.91 -2.10 16.18
C HIS B 78 -0.66 -2.83 16.69
N ALA B 79 -0.57 -4.13 16.45
CA ALA B 79 0.63 -4.86 16.92
C ALA B 79 1.87 -4.30 16.26
N ASN B 80 1.83 -4.10 14.93
CA ASN B 80 3.04 -3.74 14.23
C ASN B 80 3.52 -2.34 14.64
N HIS B 81 2.59 -1.38 14.76
CA HIS B 81 3.01 -0.04 15.15
C HIS B 81 3.52 -0.05 16.58
N SER B 82 2.87 -0.80 17.47
CA SER B 82 3.33 -0.85 18.87
C SER B 82 4.77 -1.34 18.93
N LEU B 83 5.11 -2.39 18.16
CA LEU B 83 6.46 -2.89 18.09
C LEU B 83 7.37 -1.83 17.50
N PHE B 84 6.96 -1.18 16.42
CA PHE B 84 7.79 -0.19 15.76
C PHE B 84 8.22 0.91 16.68
N TRP B 85 7.30 1.47 17.48
CA TRP B 85 7.72 2.59 18.31
C TRP B 85 8.80 2.17 19.30
N LYS B 86 8.60 1.00 19.92
CA LYS B 86 9.57 0.48 20.88
C LYS B 86 10.86 0.06 20.21
N GLY B 87 10.79 -0.18 18.92
CA GLY B 87 11.88 -0.62 18.11
C GLY B 87 12.71 0.47 17.48
N LEU B 88 12.49 1.71 17.86
CA LEU B 88 13.22 2.86 17.43
C LEU B 88 13.82 3.56 18.65
N LYS B 89 15.05 4.00 18.53
CA LYS B 89 15.75 4.74 19.59
C LYS B 89 17.08 5.17 19.01
N LYS B 90 17.46 6.44 19.17
CA LYS B 90 18.81 6.82 18.93
C LYS B 90 19.74 6.37 20.06
N GLY B 91 21.03 6.27 19.82
N GLY B 91 20.98 6.34 19.60
CA GLY B 91 21.88 6.03 20.98
CA GLY B 91 22.31 6.19 20.11
C GLY B 91 22.11 4.58 21.28
C GLY B 91 22.67 4.78 20.52
N THR B 92 21.92 3.72 20.25
N THR B 92 22.00 3.72 20.06
CA THR B 92 22.19 2.30 20.35
C THR B 92 23.21 1.78 19.33
N THR B 93 23.79 0.65 19.63
CA THR B 93 24.81 0.04 18.79
C THR B 93 24.50 -1.45 18.67
N LEU B 94 24.58 -1.98 17.46
CA LEU B 94 24.50 -3.42 17.25
C LEU B 94 25.75 -4.04 17.85
N GLN B 95 25.61 -4.92 18.83
CA GLN B 95 26.76 -5.42 19.58
C GLN B 95 26.32 -6.70 20.31
N GLY B 96 27.30 -7.26 21.00
CA GLY B 96 27.01 -8.38 21.88
C GLY B 96 26.49 -9.58 21.18
N ASP B 97 25.67 -10.35 21.89
CA ASP B 97 25.16 -11.61 21.38
C ASP B 97 24.37 -11.45 20.07
N LEU B 98 23.58 -10.39 19.96
CA LEU B 98 22.79 -10.24 18.74
C LEU B 98 23.68 -9.98 17.53
N LYS B 99 24.72 -9.16 17.71
CA LYS B 99 25.64 -8.96 16.61
C LYS B 99 26.28 -10.28 16.18
N ALA B 100 26.75 -11.07 17.18
CA ALA B 100 27.38 -12.32 16.84
C ALA B 100 26.41 -13.25 16.12
N ALA B 101 25.15 -13.29 16.51
CA ALA B 101 24.17 -14.13 15.85
C ALA B 101 23.91 -13.69 14.42
N ILE B 102 23.84 -12.38 14.20
CA ILE B 102 23.70 -11.82 12.84
C ILE B 102 24.87 -12.27 12.01
N GLU B 103 26.09 -12.14 12.54
CA GLU B 103 27.28 -12.56 11.79
C GLU B 103 27.25 -14.02 11.48
N ARG B 104 26.80 -14.88 12.41
N ARG B 104 26.79 -14.84 12.41
CA ARG B 104 26.69 -16.32 12.21
CA ARG B 104 26.74 -16.28 12.15
C ARG B 104 25.70 -16.62 11.08
C ARG B 104 25.70 -16.61 11.08
N ASP B 105 24.55 -15.95 11.15
CA ASP B 105 23.47 -16.39 10.25
C ASP B 105 23.50 -15.74 8.86
N PHE B 106 24.12 -14.57 8.77
CA PHE B 106 24.20 -13.87 7.49
C PHE B 106 25.60 -13.76 6.93
N GLY B 107 26.61 -14.17 7.72
CA GLY B 107 27.99 -14.07 7.37
C GLY B 107 28.68 -12.84 7.89
N SER B 108 28.00 -11.72 7.87
CA SER B 108 28.51 -10.47 8.33
C SER B 108 27.34 -9.51 8.58
N VAL B 109 27.59 -8.47 9.39
CA VAL B 109 26.61 -7.43 9.55
C VAL B 109 26.26 -6.80 8.22
N ASP B 110 27.26 -6.49 7.38
CA ASP B 110 26.96 -5.84 6.10
C ASP B 110 26.10 -6.71 5.21
N ASN B 111 26.28 -8.03 5.22
CA ASN B 111 25.39 -8.93 4.45
C ASN B 111 23.98 -8.84 4.94
N PHE B 112 23.79 -8.88 6.26
CA PHE B 112 22.47 -8.70 6.83
C PHE B 112 21.86 -7.38 6.39
N LYS B 113 22.62 -6.30 6.49
CA LYS B 113 22.05 -5.00 6.14
C LYS B 113 21.64 -4.97 4.71
N ALA B 114 22.47 -5.49 3.79
CA ALA B 114 22.11 -5.53 2.39
C ALA B 114 20.84 -6.32 2.16
N GLU B 115 20.70 -7.50 2.82
CA GLU B 115 19.52 -8.29 2.65
C GLU B 115 18.29 -7.56 3.18
N PHE B 116 18.41 -6.90 4.31
CA PHE B 116 17.29 -6.13 4.87
C PHE B 116 16.92 -4.98 3.92
N GLU B 117 17.90 -4.26 3.41
CA GLU B 117 17.69 -3.18 2.50
C GLU B 117 16.97 -3.65 1.22
N LYS B 118 17.38 -4.81 0.70
CA LYS B 118 16.75 -5.37 -0.48
C LYS B 118 15.31 -5.73 -0.21
N ALA B 119 15.05 -6.40 0.92
CA ALA B 119 13.68 -6.80 1.22
C ALA B 119 12.80 -5.58 1.42
N ALA B 120 13.32 -4.59 2.13
CA ALA B 120 12.57 -3.36 2.39
C ALA B 120 12.26 -2.62 1.10
N ALA B 121 13.22 -2.60 0.14
CA ALA B 121 12.98 -1.90 -1.10
C ALA B 121 12.05 -2.67 -2.04
N SER B 122 12.05 -4.01 -2.00
N SER B 122 12.07 -3.99 -1.96
CA SER B 122 11.31 -4.79 -2.99
CA SER B 122 11.40 -4.91 -2.88
C SER B 122 9.90 -5.16 -2.57
C SER B 122 9.94 -5.17 -2.55
N ARG B 123 9.46 -4.69 -1.39
CA ARG B 123 8.08 -4.84 -0.96
C ARG B 123 7.23 -3.84 -1.73
N PHE B 124 6.58 -4.30 -2.78
CA PHE B 124 5.82 -3.39 -3.66
C PHE B 124 4.46 -3.12 -3.03
N GLY B 125 4.04 -1.86 -3.03
CA GLY B 125 2.86 -1.49 -2.31
C GLY B 125 3.17 -1.23 -0.85
N SER B 126 2.19 -1.48 0.02
CA SER B 126 2.34 -1.22 1.44
C SER B 126 2.87 -2.47 2.16
N GLY B 127 3.65 -2.30 3.21
CA GLY B 127 4.05 -3.46 4.02
C GLY B 127 5.19 -3.10 4.96
N TRP B 128 5.88 -4.16 5.38
CA TRP B 128 6.88 -4.12 6.44
C TRP B 128 8.04 -5.05 6.04
N ALA B 129 9.26 -4.65 6.46
CA ALA B 129 10.42 -5.52 6.40
C ALA B 129 10.79 -5.91 7.85
N TRP B 130 11.21 -7.14 8.04
CA TRP B 130 11.43 -7.69 9.35
C TRP B 130 12.75 -8.44 9.46
N LEU B 131 13.34 -8.36 10.63
CA LEU B 131 14.32 -9.34 11.10
C LEU B 131 13.57 -10.26 12.07
N VAL B 132 13.49 -11.54 11.76
CA VAL B 132 12.79 -12.52 12.59
C VAL B 132 13.76 -13.58 13.07
N LEU B 133 13.38 -14.23 14.13
CA LEU B 133 14.04 -15.45 14.62
C LEU B 133 13.11 -16.59 14.29
N LYS B 134 13.53 -17.44 13.35
CA LYS B 134 12.73 -18.59 12.84
C LYS B 134 13.49 -19.82 13.25
N GLY B 135 12.97 -20.57 14.24
CA GLY B 135 13.77 -21.66 14.73
C GLY B 135 15.22 -21.37 15.02
N ASP B 136 15.47 -20.52 15.99
CA ASP B 136 16.84 -20.16 16.37
C ASP B 136 17.76 -19.77 15.22
N LYS B 137 17.29 -19.47 13.98
CA LYS B 137 18.07 -18.84 12.91
C LYS B 137 17.40 -17.52 12.52
N LEU B 138 18.20 -16.47 12.49
CA LEU B 138 17.73 -15.17 12.10
C LEU B 138 17.51 -15.10 10.59
N ALA B 139 16.50 -14.36 10.20
CA ALA B 139 16.15 -14.25 8.78
C ALA B 139 15.52 -12.89 8.53
N VAL B 140 15.66 -12.46 7.27
CA VAL B 140 14.96 -11.26 6.79
C VAL B 140 13.76 -11.68 5.95
N VAL B 141 12.61 -11.12 6.26
CA VAL B 141 11.38 -11.42 5.54
C VAL B 141 10.61 -10.09 5.39
N SER B 142 9.62 -10.08 4.48
CA SER B 142 8.74 -8.90 4.37
C SER B 142 7.31 -9.43 4.38
N THR B 143 6.38 -8.54 4.74
CA THR B 143 4.97 -8.81 4.69
C THR B 143 4.26 -7.65 3.99
N ALA B 144 3.05 -8.00 3.48
CA ALA B 144 2.15 -7.03 2.90
C ALA B 144 1.30 -6.35 3.95
N ASN B 145 0.96 -5.10 3.69
CA ASN B 145 -0.10 -4.39 4.41
C ASN B 145 0.21 -4.39 5.90
N GLN B 146 -0.69 -4.85 6.75
CA GLN B 146 -0.41 -4.94 8.18
C GLN B 146 -0.23 -6.39 8.64
N ASP B 147 0.15 -7.25 7.72
CA ASP B 147 0.42 -8.63 8.11
C ASP B 147 1.71 -8.68 8.96
N SER B 148 1.78 -9.64 9.86
CA SER B 148 2.93 -9.83 10.71
C SER B 148 3.40 -11.29 10.61
N PRO B 149 4.70 -11.57 10.71
CA PRO B 149 5.14 -12.96 10.76
C PRO B 149 4.53 -13.74 11.93
N LEU B 150 4.09 -13.06 13.00
CA LEU B 150 3.41 -13.75 14.09
C LEU B 150 2.11 -14.41 13.67
N MET B 151 1.55 -13.99 12.53
CA MET B 151 0.35 -14.60 12.01
C MET B 151 0.59 -15.95 11.36
N GLY B 152 1.85 -16.25 11.05
CA GLY B 152 2.20 -17.49 10.39
C GLY B 152 2.22 -17.40 8.89
N GLU B 153 2.76 -18.46 8.27
CA GLU B 153 3.01 -18.47 6.86
C GLU B 153 1.76 -18.45 5.99
N ALA B 154 0.73 -19.22 6.32
CA ALA B 154 -0.44 -19.28 5.47
C ALA B 154 -1.09 -17.89 5.31
N ILE B 155 -1.14 -17.17 6.44
CA ILE B 155 -1.75 -15.83 6.37
C ILE B 155 -0.82 -14.82 5.79
N SER B 156 0.39 -14.74 6.34
CA SER B 156 1.27 -13.60 6.06
CA SER B 156 1.26 -13.60 6.07
C SER B 156 2.31 -13.82 5.00
N GLY B 157 2.59 -15.05 4.63
CA GLY B 157 3.67 -15.40 3.75
C GLY B 157 5.02 -15.42 4.41
N ALA B 158 5.05 -15.25 5.72
CA ALA B 158 6.24 -15.27 6.51
C ALA B 158 5.98 -15.88 7.86
N SER B 159 7.04 -16.09 8.63
CA SER B 159 6.90 -16.62 9.98
C SER B 159 8.16 -16.28 10.74
N GLY B 160 8.08 -16.55 12.04
CA GLY B 160 9.15 -16.28 12.96
C GLY B 160 8.78 -15.18 13.95
N PHE B 161 9.60 -15.14 14.98
CA PHE B 161 9.40 -14.15 16.05
C PHE B 161 10.05 -12.82 15.65
N PRO B 162 9.33 -11.72 15.52
CA PRO B 162 9.98 -10.49 15.11
C PRO B 162 10.97 -9.95 16.14
N ILE B 163 12.16 -9.66 15.70
CA ILE B 163 13.20 -9.02 16.46
C ILE B 163 13.10 -7.50 16.31
N MET B 164 12.99 -7.04 15.05
CA MET B 164 12.72 -5.62 14.75
C MET B 164 12.05 -5.58 13.39
N GLY B 165 11.59 -4.37 13.07
CA GLY B 165 11.01 -4.20 11.72
C GLY B 165 10.98 -2.72 11.32
N LEU B 166 10.82 -2.57 10.00
CA LEU B 166 10.71 -1.27 9.37
C LEU B 166 9.40 -1.18 8.62
N ASP B 167 8.63 -0.12 8.92
CA ASP B 167 7.38 0.20 8.25
C ASP B 167 7.70 0.84 6.90
N VAL B 168 7.25 0.22 5.80
CA VAL B 168 7.47 0.79 4.48
C VAL B 168 6.15 1.21 3.81
N TRP B 169 5.07 1.38 4.58
CA TRP B 169 3.94 2.14 4.06
C TRP B 169 4.41 3.55 3.71
N GLU B 170 3.80 4.12 2.64
CA GLU B 170 4.20 5.44 2.19
C GLU B 170 4.03 6.48 3.30
N HIS B 171 3.02 6.38 4.15
CA HIS B 171 2.86 7.43 5.19
C HIS B 171 4.07 7.53 6.08
N ALA B 172 4.87 6.47 6.22
CA ALA B 172 6.01 6.49 7.13
C ALA B 172 7.16 7.36 6.60
N TYR B 173 7.16 7.65 5.31
CA TYR B 173 8.35 8.32 4.72
C TYR B 173 7.96 9.40 3.73
N PHE B 174 6.70 9.69 3.52
CA PHE B 174 6.32 10.63 2.45
C PHE B 174 6.78 12.04 2.68
N LEU B 175 6.58 12.61 3.88
CA LEU B 175 6.87 14.02 4.03
C LEU B 175 8.32 14.34 3.76
N LYS B 176 9.20 13.52 4.31
CA LYS B 176 10.62 13.81 4.20
C LYS B 176 11.27 13.20 2.97
N PHE B 177 10.84 12.04 2.55
CA PHE B 177 11.49 11.28 1.51
C PHE B 177 10.72 11.15 0.22
N GLN B 178 9.42 11.48 0.20
CA GLN B 178 8.57 11.33 -0.96
C GLN B 178 8.65 9.88 -1.43
N ASN B 179 9.00 9.69 -2.69
CA ASN B 179 9.09 8.35 -3.20
C ASN B 179 10.47 7.69 -3.03
N ARG B 180 11.36 8.31 -2.35
CA ARG B 180 12.76 7.82 -2.26
C ARG B 180 12.90 6.83 -1.09
N ARG B 181 12.24 5.69 -1.23
CA ARG B 181 12.25 4.69 -0.17
C ARG B 181 13.68 4.27 0.17
N PRO B 182 14.61 4.07 -0.78
CA PRO B 182 15.97 3.65 -0.38
C PRO B 182 16.62 4.63 0.57
N ASP B 183 16.37 5.93 0.44
CA ASP B 183 16.94 6.92 1.35
C ASP B 183 16.40 6.75 2.77
N TYR B 184 15.08 6.50 2.86
CA TYR B 184 14.42 6.26 4.15
C TYR B 184 14.99 4.99 4.79
N ILE B 185 15.16 3.94 4.02
CA ILE B 185 15.72 2.68 4.51
C ILE B 185 17.12 2.91 5.09
N LYS B 186 17.93 3.70 4.38
CA LYS B 186 19.26 4.03 4.91
C LYS B 186 19.17 4.74 6.25
N GLU B 187 18.24 5.67 6.40
CA GLU B 187 18.10 6.39 7.66
C GLU B 187 17.65 5.50 8.80
N PHE B 188 16.91 4.44 8.50
CA PHE B 188 16.46 3.53 9.55
C PHE B 188 17.65 3.00 10.33
N TRP B 189 18.80 2.77 9.71
CA TRP B 189 19.93 2.21 10.50
C TRP B 189 20.36 3.18 11.59
N ASN B 190 20.11 4.46 11.48
CA ASN B 190 20.44 5.42 12.54
C ASN B 190 19.49 5.39 13.72
N VAL B 191 18.32 4.80 13.55
CA VAL B 191 17.27 4.84 14.57
C VAL B 191 16.73 3.48 14.98
N VAL B 192 17.16 2.36 14.36
CA VAL B 192 16.68 1.07 14.87
C VAL B 192 17.25 0.90 16.27
N ASN B 193 16.38 0.46 17.20
CA ASN B 193 16.73 0.30 18.61
C ASN B 193 17.39 -1.05 18.81
N TRP B 194 18.72 -1.07 18.76
CA TRP B 194 19.41 -2.35 18.91
C TRP B 194 19.35 -2.93 20.29
N ASP B 195 19.06 -2.09 21.30
CA ASP B 195 18.84 -2.59 22.68
C ASP B 195 17.58 -3.42 22.82
N GLU B 196 16.47 -2.90 22.24
CA GLU B 196 15.21 -3.65 22.29
C GLU B 196 15.33 -4.89 21.45
N ALA B 197 15.98 -4.78 20.26
CA ALA B 197 16.21 -5.92 19.41
C ALA B 197 16.97 -7.00 20.21
N ALA B 198 18.02 -6.58 20.92
CA ALA B 198 18.81 -7.52 21.72
C ALA B 198 17.99 -8.17 22.83
N ALA B 199 17.12 -7.40 23.46
CA ALA B 199 16.25 -7.91 24.52
C ALA B 199 15.28 -8.96 23.94
N ARG B 200 14.74 -8.70 22.75
CA ARG B 200 13.81 -9.63 22.15
C ARG B 200 14.54 -10.88 21.73
N PHE B 201 15.77 -10.73 21.20
CA PHE B 201 16.55 -11.90 20.81
C PHE B 201 16.89 -12.74 22.03
N ALA B 202 17.23 -12.08 23.15
CA ALA B 202 17.58 -12.87 24.33
C ALA B 202 16.39 -13.61 24.82
N ALA B 203 15.17 -13.04 24.75
CA ALA B 203 13.95 -13.65 25.26
C ALA B 203 13.50 -14.80 24.41
N LYS B 204 13.68 -14.76 23.08
CA LYS B 204 13.28 -16.00 22.41
C LYS B 204 14.37 -16.86 21.81
N LYS B 205 15.65 -16.48 21.95
CA LYS B 205 16.70 -17.36 21.39
C LYS B 205 16.72 -18.71 22.07
MN MH2 C . -0.58 7.02 -7.81
O1 MH2 C . -0.86 4.82 -7.33
MN MH2 D . 2.66 2.88 9.67
O1 MH2 D . 2.14 1.09 8.39
#